data_3EEJ
#
_entry.id   3EEJ
#
_cell.length_a   42.871
_cell.length_b   42.871
_cell.length_c   231.485
_cell.angle_alpha   90.000
_cell.angle_beta   90.000
_cell.angle_gamma   90.000
#
_symmetry.space_group_name_H-M   'P 41'
#
loop_
_entity.id
_entity.type
_entity.pdbx_description
1 polymer 'Dihydrofolate reductase'
2 non-polymer 'NADPH DIHYDRO-NICOTINAMIDE-ADENINE-DINUCLEOTIDE PHOSPHATE'
3 non-polymer 5-[(3R)-3-(5-methoxybiphenyl-3-yl)but-1-yn-1-yl]-6-methylpyrimidine-2,4-diamine
4 water water
#
_entity_poly.entity_id   1
_entity_poly.type   'polypeptide(L)'
_entity_poly.pdbx_seq_one_letter_code
;MSKVPVVGIVAALLPEMGIGFQGNLPWRLAKEMKYFREVTTLTNDNSKQNVVIMGRKTWESIPQKFRPLPKRINVVVSRS
FDGELRKVEDGIYHSNSLRNCLTALQSSLANENKIERIYIIGGGEIYRQSMDLADHWLITKIMPLPETTIPQMDTFLQKQ
ELEQRFYDNSDKLVDFLPSSIQLEGRLTSQEWNGELVKGLPVQEKGYQFYFTLYTKKLEHHHHHHHH
;
_entity_poly.pdbx_strand_id   A,B
#
# COMPACT_ATOMS: atom_id res chain seq x y z
N LYS A 3 -5.87 -9.95 -13.80
CA LYS A 3 -5.56 -11.39 -13.98
C LYS A 3 -4.27 -11.66 -14.77
N VAL A 4 -3.46 -10.64 -15.06
CA VAL A 4 -2.06 -10.97 -15.36
C VAL A 4 -1.26 -10.90 -14.03
N PRO A 5 -0.37 -11.89 -13.77
CA PRO A 5 0.38 -11.89 -12.49
C PRO A 5 1.31 -10.70 -12.38
N VAL A 6 1.39 -10.14 -11.16
CA VAL A 6 2.31 -9.03 -10.81
C VAL A 6 3.43 -9.63 -9.95
N VAL A 7 4.66 -9.51 -10.43
CA VAL A 7 5.79 -10.22 -9.83
C VAL A 7 6.92 -9.20 -9.57
N GLY A 8 7.27 -9.07 -8.31
CA GLY A 8 8.38 -8.24 -7.91
C GLY A 8 9.62 -9.06 -8.16
N ILE A 9 10.64 -8.45 -8.75
CA ILE A 9 11.87 -9.15 -8.99
C ILE A 9 13.08 -8.29 -8.59
N VAL A 10 14.00 -8.93 -7.84
CA VAL A 10 14.98 -8.18 -7.01
C VAL A 10 16.18 -9.07 -6.68
N ALA A 11 17.36 -8.48 -6.60
CA ALA A 11 18.57 -9.21 -6.14
C ALA A 11 18.92 -8.57 -4.81
N ALA A 12 18.98 -9.37 -3.75
CA ALA A 12 19.18 -8.79 -2.39
C ALA A 12 20.26 -9.53 -1.63
N LEU A 13 21.14 -8.77 -0.93
CA LEU A 13 22.19 -9.35 -0.06
C LEU A 13 21.74 -9.70 1.35
N LEU A 14 21.87 -10.97 1.75
CA LEU A 14 21.47 -11.35 3.11
C LEU A 14 22.52 -10.89 4.12
N PRO A 15 22.15 -10.75 5.40
CA PRO A 15 20.82 -10.93 6.00
C PRO A 15 19.89 -9.72 5.98
N GLU A 16 20.44 -8.54 5.69
CA GLU A 16 19.66 -7.28 5.71
C GLU A 16 18.79 -7.05 4.44
N MET A 17 19.04 -7.83 3.37
CA MET A 17 18.32 -7.64 2.07
C MET A 17 18.65 -6.27 1.47
N GLY A 18 19.94 -5.98 1.47
CA GLY A 18 20.44 -4.73 0.86
C GLY A 18 20.36 -4.89 -0.64
N ILE A 19 20.00 -3.82 -1.35
CA ILE A 19 19.82 -3.91 -2.84
C ILE A 19 20.54 -2.81 -3.64
N GLY A 20 21.12 -1.82 -2.96
CA GLY A 20 21.60 -0.62 -3.66
C GLY A 20 22.50 0.22 -2.78
N PHE A 21 23.33 1.06 -3.42
CA PHE A 21 24.23 1.98 -2.73
C PHE A 21 24.50 3.11 -3.73
N GLN A 22 24.29 4.33 -3.30
CA GLN A 22 24.53 5.54 -4.11
C GLN A 22 23.99 5.49 -5.54
N GLY A 23 22.78 4.93 -5.70
CA GLY A 23 22.07 4.97 -7.00
C GLY A 23 22.35 3.80 -7.91
N ASN A 24 23.18 2.86 -7.45
CA ASN A 24 23.68 1.77 -8.26
C ASN A 24 23.55 0.46 -7.51
N LEU A 25 23.65 -0.64 -8.25
CA LEU A 25 23.72 -2.00 -7.66
C LEU A 25 25.06 -2.16 -6.92
N PRO A 26 25.06 -2.87 -5.76
CA PRO A 26 26.32 -3.07 -5.02
C PRO A 26 27.28 -4.15 -5.55
N TRP A 27 26.94 -4.79 -6.63
CA TRP A 27 27.72 -5.86 -7.20
C TRP A 27 27.45 -5.79 -8.72
N ARG A 28 28.28 -6.45 -9.48
CA ARG A 28 28.07 -6.61 -10.89
C ARG A 28 28.27 -8.09 -11.12
N LEU A 29 27.17 -8.79 -11.32
CA LEU A 29 27.22 -10.22 -11.46
C LEU A 29 26.53 -10.58 -12.77
N ALA A 30 27.35 -10.99 -13.76
CA ALA A 30 26.85 -11.22 -15.11
C ALA A 30 25.78 -12.30 -15.15
N LYS A 31 25.91 -13.31 -14.29
CA LYS A 31 24.95 -14.42 -14.25
C LYS A 31 23.56 -14.15 -13.62
N GLU A 32 23.60 -13.23 -12.69
CA GLU A 32 22.43 -12.74 -12.03
C GLU A 32 21.69 -11.85 -13.05
N MET A 33 22.42 -10.90 -13.67
CA MET A 33 21.89 -10.08 -14.73
C MET A 33 21.27 -10.92 -15.89
N LYS A 34 21.88 -12.06 -16.23
CA LYS A 34 21.39 -12.94 -17.29
C LYS A 34 20.07 -13.55 -16.88
N TYR A 35 20.01 -14.06 -15.64
CA TYR A 35 18.73 -14.50 -15.04
C TYR A 35 17.68 -13.41 -15.13
N PHE A 36 18.00 -12.21 -14.64
CA PHE A 36 16.97 -11.14 -14.68
C PHE A 36 16.46 -10.85 -16.12
N ARG A 37 17.42 -10.70 -17.05
CA ARG A 37 17.15 -10.53 -18.47
C ARG A 37 16.22 -11.59 -19.06
N GLU A 38 16.62 -12.83 -18.97
CA GLU A 38 15.83 -13.97 -19.46
C GLU A 38 14.44 -14.07 -18.85
N VAL A 39 14.36 -13.91 -17.51
CA VAL A 39 13.08 -14.07 -16.80
C VAL A 39 12.04 -13.00 -17.23
N THR A 40 12.47 -11.74 -17.26
CA THR A 40 11.61 -10.64 -17.62
C THR A 40 11.33 -10.57 -19.12
N THR A 41 12.23 -11.10 -19.95
CA THR A 41 12.04 -11.10 -21.43
C THR A 41 11.17 -12.20 -21.93
N LEU A 42 11.54 -13.44 -21.57
CA LEU A 42 10.88 -14.64 -22.00
C LEU A 42 9.40 -14.78 -21.58
N THR A 43 8.62 -15.33 -22.50
CA THR A 43 7.22 -15.65 -22.26
C THR A 43 6.93 -17.14 -22.60
N ASN A 44 5.91 -17.74 -21.97
CA ASN A 44 5.42 -19.03 -22.45
C ASN A 44 4.66 -18.86 -23.76
N ASP A 45 3.97 -17.75 -23.92
CA ASP A 45 3.23 -17.53 -25.15
C ASP A 45 3.99 -16.50 -26.01
N ASN A 46 4.46 -16.98 -27.19
CA ASN A 46 5.32 -16.22 -28.19
C ASN A 46 4.76 -14.93 -28.73
N SER A 47 3.44 -14.81 -28.65
CA SER A 47 2.72 -13.62 -29.09
C SER A 47 2.53 -12.60 -27.98
N LYS A 48 2.95 -12.91 -26.75
CA LYS A 48 2.91 -11.92 -25.64
C LYS A 48 4.27 -11.27 -25.32
N GLN A 49 4.27 -10.10 -24.66
CA GLN A 49 5.49 -9.57 -24.03
C GLN A 49 5.19 -9.43 -22.56
N ASN A 50 6.22 -9.29 -21.75
CA ASN A 50 6.02 -8.85 -20.36
C ASN A 50 6.20 -7.32 -20.23
N VAL A 51 5.68 -6.77 -19.14
CA VAL A 51 5.92 -5.38 -18.77
C VAL A 51 7.02 -5.36 -17.70
N VAL A 52 7.90 -4.34 -17.75
CA VAL A 52 8.78 -4.04 -16.60
C VAL A 52 8.45 -2.62 -16.16
N ILE A 53 8.13 -2.48 -14.88
CA ILE A 53 7.78 -1.21 -14.26
C ILE A 53 8.86 -0.83 -13.26
N MET A 54 9.26 0.43 -13.30
CA MET A 54 10.38 0.86 -12.45
C MET A 54 10.19 2.35 -12.03
N GLY A 55 10.74 2.72 -10.90
CA GLY A 55 10.76 4.15 -10.56
C GLY A 55 11.78 4.92 -11.39
N ARG A 56 11.59 6.24 -11.41
CA ARG A 56 12.36 7.19 -12.20
C ARG A 56 13.87 7.06 -11.92
N LYS A 57 14.24 6.89 -10.63
CA LYS A 57 15.65 6.84 -10.27
C LYS A 57 16.32 5.55 -10.75
N THR A 58 15.55 4.47 -10.75
CA THR A 58 16.04 3.21 -11.30
C THR A 58 16.29 3.36 -12.82
N TRP A 59 15.31 3.94 -13.53
CA TRP A 59 15.43 4.26 -14.97
C TRP A 59 16.73 4.99 -15.27
N GLU A 60 17.01 6.02 -14.46
CA GLU A 60 18.14 6.87 -14.64
C GLU A 60 19.47 6.15 -14.39
N SER A 61 19.43 5.08 -13.61
CA SER A 61 20.64 4.28 -13.36
C SER A 61 20.98 3.26 -14.44
N ILE A 62 20.03 2.91 -15.32
CA ILE A 62 20.31 1.95 -16.38
C ILE A 62 21.22 2.63 -17.43
N PRO A 63 22.33 1.97 -17.86
CA PRO A 63 23.13 2.68 -18.90
C PRO A 63 22.26 3.04 -20.12
N GLN A 64 22.47 4.24 -20.62
CA GLN A 64 21.72 4.78 -21.78
C GLN A 64 21.65 3.93 -23.04
N LYS A 65 22.69 3.14 -23.32
CA LYS A 65 22.69 2.19 -24.42
C LYS A 65 21.72 1.04 -24.16
N PHE A 66 21.43 0.76 -22.90
CA PHE A 66 20.63 -0.43 -22.60
C PHE A 66 19.17 -0.15 -22.23
N ARG A 67 18.75 1.08 -22.40
CA ARG A 67 17.38 1.45 -22.10
C ARG A 67 16.73 2.09 -23.36
N PRO A 68 15.43 1.79 -23.62
CA PRO A 68 14.63 0.93 -22.77
C PRO A 68 15.03 -0.57 -22.86
N LEU A 69 14.77 -1.34 -21.81
CA LEU A 69 15.12 -2.75 -21.84
C LEU A 69 14.43 -3.40 -23.03
N PRO A 70 15.22 -4.02 -23.96
CA PRO A 70 14.62 -4.65 -25.15
C PRO A 70 13.59 -5.76 -24.94
N LYS A 71 12.58 -5.78 -25.82
CA LYS A 71 11.64 -6.90 -25.96
C LYS A 71 10.68 -6.96 -24.75
N ARG A 72 10.65 -5.90 -23.99
CA ARG A 72 9.72 -5.76 -22.88
C ARG A 72 9.13 -4.37 -22.94
N ILE A 73 7.87 -4.26 -22.58
CA ILE A 73 7.24 -2.95 -22.38
C ILE A 73 7.77 -2.29 -21.10
N ASN A 74 8.37 -1.09 -21.23
CA ASN A 74 8.96 -0.40 -20.08
C ASN A 74 8.03 0.66 -19.62
N VAL A 75 7.83 0.72 -18.31
CA VAL A 75 7.02 1.76 -17.71
C VAL A 75 7.88 2.45 -16.64
N VAL A 76 8.00 3.76 -16.74
CA VAL A 76 8.74 4.55 -15.74
C VAL A 76 7.71 5.40 -14.96
N VAL A 77 7.79 5.39 -13.62
CA VAL A 77 6.84 6.09 -12.78
C VAL A 77 7.51 7.28 -12.13
N SER A 78 6.88 8.45 -12.26
CA SER A 78 7.42 9.68 -11.67
C SER A 78 6.24 10.48 -11.27
N ARG A 79 6.25 11.07 -10.09
CA ARG A 79 5.13 11.95 -9.72
C ARG A 79 5.04 13.21 -10.55
N SER A 80 6.11 13.55 -11.26
CA SER A 80 6.08 14.73 -12.13
C SER A 80 5.57 14.43 -13.57
N PHE A 81 5.15 13.17 -13.81
CA PHE A 81 4.62 12.82 -15.14
C PHE A 81 3.12 13.14 -15.20
N ASP A 82 2.54 12.97 -16.38
CA ASP A 82 1.17 13.48 -16.72
C ASP A 82 -0.10 12.68 -16.35
N GLY A 83 -0.08 11.36 -16.39
CA GLY A 83 -1.24 10.53 -15.88
C GLY A 83 -0.86 9.10 -16.13
N GLU A 84 -1.78 8.15 -16.25
CA GLU A 84 -1.76 7.06 -15.31
C GLU A 84 -0.94 6.06 -16.18
N LEU A 85 -0.90 6.30 -17.51
CA LEU A 85 -0.16 5.45 -18.45
C LEU A 85 -0.15 6.06 -19.88
N ARG A 86 0.97 6.66 -20.26
CA ARG A 86 1.06 7.41 -21.49
C ARG A 86 2.27 6.93 -22.32
N LYS A 87 2.06 6.58 -23.59
CA LYS A 87 3.20 6.29 -24.47
C LYS A 87 4.00 7.57 -24.70
N VAL A 88 5.30 7.53 -24.42
CA VAL A 88 6.12 8.72 -24.62
C VAL A 88 7.15 8.46 -25.73
N GLU A 89 7.45 7.20 -26.02
CA GLU A 89 8.44 6.83 -27.06
C GLU A 89 8.24 5.37 -27.36
N ASP A 90 8.83 4.88 -28.45
CA ASP A 90 8.77 3.45 -28.71
C ASP A 90 9.35 2.65 -27.52
N GLY A 91 8.52 1.77 -26.99
CA GLY A 91 8.95 0.90 -25.90
C GLY A 91 8.86 1.59 -24.54
N ILE A 92 8.47 2.88 -24.52
CA ILE A 92 8.41 3.65 -23.25
C ILE A 92 7.06 4.27 -22.89
N TYR A 93 6.56 3.90 -21.70
CA TYR A 93 5.38 4.50 -21.07
C TYR A 93 5.75 5.23 -19.82
N HIS A 94 5.15 6.40 -19.65
CA HIS A 94 5.26 7.15 -18.39
C HIS A 94 3.98 7.12 -17.59
N SER A 95 4.14 6.90 -16.29
CA SER A 95 3.01 6.97 -15.36
C SER A 95 3.32 7.82 -14.14
N ASN A 96 2.31 8.56 -13.72
CA ASN A 96 2.41 9.32 -12.47
C ASN A 96 1.90 8.54 -11.25
N SER A 97 1.60 7.25 -11.43
CA SER A 97 1.02 6.44 -10.35
C SER A 97 1.31 4.94 -10.50
N LEU A 98 2.13 4.40 -9.60
CA LEU A 98 2.36 2.93 -9.59
C LEU A 98 1.01 2.13 -9.61
N ARG A 99 0.14 2.42 -8.64
CA ARG A 99 -1.17 1.76 -8.56
C ARG A 99 -2.11 1.92 -9.75
N ASN A 100 -2.23 3.12 -10.27
CA ASN A 100 -3.17 3.37 -11.40
C ASN A 100 -2.54 2.79 -12.69
N CYS A 101 -1.22 2.88 -12.82
CA CYS A 101 -0.63 2.21 -13.98
C CYS A 101 -0.86 0.68 -13.96
N LEU A 102 -0.78 0.02 -12.80
CA LEU A 102 -1.15 -1.40 -12.74
C LEU A 102 -2.64 -1.69 -13.12
N THR A 103 -3.56 -0.90 -12.59
CA THR A 103 -4.96 -1.01 -13.04
C THR A 103 -5.09 -0.79 -14.57
N ALA A 104 -4.38 0.22 -15.09
CA ALA A 104 -4.43 0.47 -16.53
C ALA A 104 -3.87 -0.73 -17.30
N LEU A 105 -2.67 -1.18 -16.93
CA LEU A 105 -2.08 -2.38 -17.57
C LEU A 105 -2.94 -3.67 -17.56
N GLN A 106 -3.76 -3.85 -16.52
CA GLN A 106 -4.73 -4.94 -16.37
C GLN A 106 -6.03 -4.89 -17.22
N SER A 107 -6.35 -3.77 -17.87
CA SER A 107 -7.54 -3.75 -18.72
C SER A 107 -7.30 -4.56 -19.98
N SER A 108 -8.12 -5.58 -20.17
CA SER A 108 -8.03 -6.49 -21.34
C SER A 108 -8.35 -5.71 -22.59
N LEU A 109 -9.14 -4.64 -22.45
CA LEU A 109 -9.46 -3.77 -23.59
C LEU A 109 -8.25 -3.03 -24.09
N ALA A 110 -7.48 -2.47 -23.15
CA ALA A 110 -6.23 -1.79 -23.53
C ALA A 110 -5.13 -2.78 -23.92
N ASN A 111 -5.06 -3.90 -23.19
CA ASN A 111 -3.89 -4.77 -23.27
C ASN A 111 -4.03 -5.93 -24.28
N GLU A 112 -5.27 -6.10 -24.78
CA GLU A 112 -5.69 -7.12 -25.75
C GLU A 112 -5.28 -8.54 -25.33
N ASN A 113 -5.17 -8.77 -24.02
CA ASN A 113 -4.62 -9.99 -23.48
C ASN A 113 -3.27 -10.38 -24.12
N LYS A 114 -2.44 -9.39 -24.50
CA LYS A 114 -1.08 -9.69 -24.97
C LYS A 114 0.14 -9.31 -24.04
N ILE A 115 -0.11 -9.08 -22.74
CA ILE A 115 0.88 -9.02 -21.61
C ILE A 115 0.69 -10.43 -21.05
N GLU A 116 1.73 -11.24 -20.99
CA GLU A 116 1.92 -12.27 -19.94
C GLU A 116 2.06 -12.01 -18.45
N ARG A 117 3.09 -11.24 -18.06
CA ARG A 117 3.31 -10.87 -16.68
C ARG A 117 3.77 -9.45 -16.63
N ILE A 118 3.58 -8.86 -15.46
CA ILE A 118 4.04 -7.55 -15.14
C ILE A 118 5.11 -7.74 -14.03
N TYR A 119 6.33 -7.38 -14.36
CA TYR A 119 7.46 -7.42 -13.45
C TYR A 119 7.70 -6.02 -12.90
N ILE A 120 7.71 -5.95 -11.58
CA ILE A 120 8.17 -4.76 -10.89
C ILE A 120 9.66 -4.89 -10.57
N ILE A 121 10.47 -4.06 -11.23
CA ILE A 121 11.95 -4.24 -11.25
C ILE A 121 12.71 -3.17 -10.41
N GLY A 122 11.98 -2.45 -9.55
CA GLY A 122 12.66 -1.57 -8.55
C GLY A 122 12.41 -0.11 -8.74
N GLY A 123 12.99 0.77 -7.91
CA GLY A 123 13.98 0.38 -6.85
C GLY A 123 13.35 0.35 -5.45
N GLY A 124 14.07 0.80 -4.43
CA GLY A 124 13.64 0.66 -3.04
C GLY A 124 12.23 1.22 -2.76
N GLU A 125 11.99 2.45 -3.24
CA GLU A 125 10.76 3.18 -2.94
C GLU A 125 9.60 2.48 -3.59
N ILE A 126 9.84 2.07 -4.84
CA ILE A 126 8.88 1.25 -5.60
C ILE A 126 8.55 -0.07 -4.91
N TYR A 127 9.59 -0.80 -4.50
CA TYR A 127 9.39 -2.10 -3.78
C TYR A 127 8.62 -1.98 -2.46
N ARG A 128 8.88 -0.92 -1.69
CA ARG A 128 8.14 -0.57 -0.47
C ARG A 128 6.65 -0.56 -0.74
N GLN A 129 6.30 0.02 -1.88
CA GLN A 129 4.92 0.20 -2.24
C GLN A 129 4.34 -1.06 -2.88
N SER A 130 5.18 -2.07 -3.17
CA SER A 130 4.66 -3.21 -3.95
C SER A 130 4.33 -4.43 -3.12
N MET A 131 4.58 -4.38 -1.81
CA MET A 131 4.30 -5.57 -0.99
C MET A 131 2.83 -5.95 -1.03
N ASP A 132 1.96 -4.95 -1.15
CA ASP A 132 0.54 -5.30 -1.16
C ASP A 132 0.03 -5.39 -2.56
N LEU A 133 0.90 -5.21 -3.55
CA LEU A 133 0.49 -5.24 -4.96
C LEU A 133 0.93 -6.54 -5.62
N ALA A 134 2.07 -7.08 -5.23
CA ALA A 134 2.58 -8.24 -5.92
C ALA A 134 1.92 -9.56 -5.53
N ASP A 135 1.80 -10.47 -6.49
CA ASP A 135 1.31 -11.77 -6.22
C ASP A 135 2.45 -12.72 -5.80
N HIS A 136 3.67 -12.43 -6.28
CA HIS A 136 4.85 -13.25 -6.07
C HIS A 136 6.04 -12.33 -6.00
N TRP A 137 7.13 -12.82 -5.39
CA TRP A 137 8.44 -12.16 -5.48
C TRP A 137 9.51 -13.16 -5.96
N LEU A 138 10.25 -12.76 -6.99
CA LEU A 138 11.42 -13.51 -7.37
C LEU A 138 12.59 -12.76 -6.73
N ILE A 139 13.23 -13.39 -5.76
CA ILE A 139 14.30 -12.75 -4.99
C ILE A 139 15.58 -13.56 -5.21
N THR A 140 16.60 -12.93 -5.75
CA THR A 140 17.90 -13.57 -5.71
C THR A 140 18.59 -13.24 -4.34
N LYS A 141 18.81 -14.28 -3.56
CA LYS A 141 19.39 -14.11 -2.22
C LYS A 141 20.91 -14.25 -2.37
N ILE A 142 21.62 -13.15 -2.13
CA ILE A 142 23.03 -13.07 -2.38
C ILE A 142 23.80 -13.10 -1.02
N MET A 143 24.88 -13.88 -0.95
CA MET A 143 25.70 -14.07 0.23
C MET A 143 27.16 -13.98 -0.19
N PRO A 144 27.92 -13.11 0.48
CA PRO A 144 29.37 -13.07 0.22
C PRO A 144 29.99 -14.35 0.73
N LEU A 145 30.87 -14.92 -0.06
CA LEU A 145 31.62 -16.10 0.38
C LEU A 145 32.56 -15.67 1.56
N PRO A 146 33.04 -16.63 2.39
CA PRO A 146 33.81 -16.30 3.59
C PRO A 146 34.90 -15.26 3.38
N GLU A 147 35.56 -15.31 2.22
CA GLU A 147 36.66 -14.38 1.91
C GLU A 147 36.22 -12.96 1.49
N THR A 148 34.93 -12.79 1.22
CA THR A 148 34.43 -11.62 0.54
C THR A 148 34.08 -10.51 1.51
N THR A 149 34.62 -9.32 1.25
CA THR A 149 34.15 -8.10 1.87
C THR A 149 32.65 -7.80 1.56
N ILE A 150 31.85 -7.65 2.60
CA ILE A 150 30.47 -7.19 2.46
C ILE A 150 30.41 -5.77 1.88
N PRO A 151 29.68 -5.59 0.75
CA PRO A 151 29.66 -4.25 0.19
C PRO A 151 28.78 -3.31 1.00
N GLN A 152 29.10 -2.03 0.94
CA GLN A 152 28.31 -1.00 1.59
C GLN A 152 26.96 -0.85 0.84
N MET A 153 25.91 -0.50 1.59
CA MET A 153 24.57 -0.36 1.00
C MET A 153 23.70 0.56 1.84
N ASP A 154 22.61 1.08 1.28
CA ASP A 154 21.98 2.36 1.60
C ASP A 154 20.44 2.17 1.28
N THR A 155 20.13 1.04 0.65
CA THR A 155 18.76 0.73 0.23
C THR A 155 18.52 -0.76 0.47
N PHE A 156 17.33 -1.07 1.01
CA PHE A 156 17.00 -2.39 1.52
C PHE A 156 15.58 -2.84 1.12
N LEU A 157 15.41 -4.14 0.94
CA LEU A 157 14.10 -4.72 0.72
C LEU A 157 13.50 -4.83 2.12
N GLN A 158 12.19 -4.65 2.23
CA GLN A 158 11.53 -4.77 3.52
C GLN A 158 11.26 -6.23 3.85
N LYS A 159 12.22 -6.89 4.51
CA LYS A 159 12.18 -8.31 4.81
C LYS A 159 11.03 -8.57 5.78
N GLN A 160 10.76 -7.62 6.69
CA GLN A 160 9.70 -7.89 7.69
C GLN A 160 8.40 -8.05 6.93
N GLU A 161 8.12 -7.11 6.06
CA GLU A 161 6.87 -7.08 5.35
C GLU A 161 6.65 -8.13 4.28
N LEU A 162 7.67 -8.44 3.50
CA LEU A 162 7.87 -9.76 2.90
C LEU A 162 7.42 -10.99 3.65
N GLU A 163 7.99 -11.24 4.82
CA GLU A 163 7.69 -12.48 5.48
C GLU A 163 6.41 -12.53 6.35
N GLN A 164 5.83 -11.44 6.80
CA GLN A 164 4.38 -11.27 6.83
C GLN A 164 3.40 -11.76 5.81
N ARG A 165 3.57 -11.35 4.57
CA ARG A 165 2.57 -11.59 3.56
C ARG A 165 2.90 -12.80 2.68
N PHE A 166 4.18 -13.19 2.63
CA PHE A 166 4.58 -14.20 1.61
C PHE A 166 5.29 -15.35 2.31
N TYR A 167 5.29 -16.52 1.73
CA TYR A 167 6.06 -17.66 2.23
C TYR A 167 7.02 -18.05 1.14
N ASP A 168 8.06 -18.77 1.51
CA ASP A 168 9.10 -19.25 0.57
C ASP A 168 8.55 -20.43 -0.22
N ASN A 169 8.30 -20.17 -1.50
CA ASN A 169 7.66 -21.14 -2.38
C ASN A 169 8.69 -21.64 -3.39
N SER A 170 9.96 -21.70 -3.00
CA SER A 170 11.01 -22.02 -3.95
C SER A 170 10.98 -23.43 -4.50
N ASP A 171 10.30 -24.35 -3.82
CA ASP A 171 10.02 -25.70 -4.41
C ASP A 171 9.30 -25.58 -5.76
N LYS A 172 8.64 -24.44 -6.03
CA LYS A 172 7.95 -24.29 -7.31
C LYS A 172 8.65 -23.32 -8.22
N LEU A 173 9.86 -22.89 -7.89
CA LEU A 173 10.49 -21.91 -8.75
C LEU A 173 10.64 -22.38 -10.24
N VAL A 174 11.22 -23.56 -10.45
CA VAL A 174 11.41 -24.11 -11.80
C VAL A 174 10.15 -24.08 -12.65
N ASP A 175 9.06 -24.50 -12.08
CA ASP A 175 7.81 -24.52 -12.79
C ASP A 175 7.22 -23.14 -13.04
N PHE A 176 7.54 -22.17 -12.16
CA PHE A 176 7.05 -20.79 -12.25
C PHE A 176 7.72 -20.00 -13.38
N LEU A 177 8.98 -20.33 -13.69
CA LEU A 177 9.72 -19.58 -14.72
C LEU A 177 9.28 -19.94 -16.16
N PRO A 178 9.45 -19.01 -17.13
CA PRO A 178 9.01 -19.38 -18.47
C PRO A 178 9.81 -20.64 -18.88
N SER A 179 9.18 -21.50 -19.65
CA SER A 179 9.60 -22.89 -19.67
C SER A 179 10.85 -23.11 -20.51
N SER A 180 11.33 -22.04 -21.14
CA SER A 180 12.50 -22.21 -21.99
C SER A 180 13.82 -21.87 -21.28
N ILE A 181 13.72 -21.28 -20.08
CA ILE A 181 14.91 -20.87 -19.33
C ILE A 181 15.60 -22.14 -18.87
N GLN A 182 16.92 -22.09 -18.79
CA GLN A 182 17.65 -23.24 -18.31
C GLN A 182 18.50 -22.78 -17.13
N LEU A 183 18.35 -23.51 -16.04
CA LEU A 183 19.05 -23.17 -14.82
C LEU A 183 20.17 -24.17 -14.52
N GLU A 184 21.33 -23.63 -14.10
CA GLU A 184 22.55 -24.41 -13.85
C GLU A 184 22.49 -25.27 -12.59
N GLY A 185 21.93 -24.74 -11.51
CA GLY A 185 21.93 -25.46 -10.22
C GLY A 185 20.80 -26.48 -10.12
N ARG A 186 20.76 -27.21 -9.01
CA ARG A 186 19.53 -27.91 -8.60
C ARG A 186 19.11 -27.35 -7.25
N LEU A 187 17.84 -27.55 -6.91
CA LEU A 187 17.32 -27.01 -5.66
C LEU A 187 17.85 -27.66 -4.37
N THR A 188 18.01 -26.93 -3.27
CA THR A 188 19.18 -26.78 -2.39
C THR A 188 18.67 -25.97 -1.20
N SER A 189 18.66 -26.58 -0.01
CA SER A 189 18.40 -25.87 1.27
C SER A 189 19.66 -25.76 2.13
N GLN A 190 20.09 -24.54 2.43
CA GLN A 190 21.37 -24.31 3.10
C GLN A 190 21.12 -23.34 4.22
N GLU A 191 21.62 -23.67 5.41
CA GLU A 191 21.63 -22.69 6.47
C GLU A 191 22.69 -21.63 6.27
N TRP A 192 22.30 -20.38 6.46
CA TRP A 192 23.30 -19.32 6.39
C TRP A 192 22.99 -18.24 7.39
N ASN A 193 23.93 -18.05 8.31
CA ASN A 193 23.73 -17.19 9.46
C ASN A 193 22.41 -17.31 10.17
N GLY A 194 22.04 -18.57 10.43
CA GLY A 194 20.83 -18.84 11.19
C GLY A 194 19.53 -18.77 10.39
N GLU A 195 19.60 -18.34 9.11
CA GLU A 195 18.43 -18.42 8.21
C GLU A 195 18.47 -19.60 7.20
N LEU A 196 17.32 -20.16 6.90
CA LEU A 196 17.16 -21.16 5.85
C LEU A 196 17.09 -20.50 4.46
N VAL A 197 18.04 -20.88 3.61
CA VAL A 197 18.15 -20.40 2.23
C VAL A 197 17.89 -21.54 1.27
N LYS A 198 16.76 -21.44 0.56
CA LYS A 198 16.38 -22.48 -0.41
C LYS A 198 16.15 -21.89 -1.81
N GLY A 199 16.70 -22.52 -2.82
CA GLY A 199 16.48 -22.15 -4.20
C GLY A 199 17.54 -22.80 -5.09
N LEU A 200 17.87 -22.10 -6.17
CA LEU A 200 18.79 -22.58 -7.19
C LEU A 200 20.11 -21.84 -7.11
N PRO A 201 21.23 -22.54 -6.74
CA PRO A 201 22.56 -21.97 -6.40
C PRO A 201 23.24 -21.49 -7.69
N VAL A 202 23.88 -20.32 -7.67
CA VAL A 202 25.13 -20.06 -8.34
C VAL A 202 26.22 -19.37 -7.56
N GLN A 203 27.45 -19.47 -8.10
CA GLN A 203 28.59 -18.67 -7.62
C GLN A 203 29.16 -17.85 -8.72
N GLU A 204 29.50 -16.62 -8.40
CA GLU A 204 30.18 -15.76 -9.31
C GLU A 204 30.88 -14.69 -8.52
N LYS A 205 32.12 -14.41 -8.89
CA LYS A 205 32.91 -13.38 -8.28
C LYS A 205 32.98 -13.78 -6.81
N GLY A 206 32.75 -12.86 -5.90
CA GLY A 206 32.96 -13.25 -4.48
C GLY A 206 31.76 -13.83 -3.78
N TYR A 207 30.71 -14.16 -4.53
CA TYR A 207 29.37 -14.37 -3.95
C TYR A 207 28.76 -15.70 -4.31
N GLN A 208 27.96 -16.23 -3.39
CA GLN A 208 27.05 -17.30 -3.73
C GLN A 208 25.64 -16.71 -3.75
N PHE A 209 24.79 -17.20 -4.64
CA PHE A 209 23.42 -16.67 -4.69
C PHE A 209 22.40 -17.73 -5.08
N TYR A 210 21.16 -17.56 -4.61
CA TYR A 210 20.11 -18.52 -4.83
C TYR A 210 18.96 -17.74 -5.46
N PHE A 211 18.50 -18.22 -6.61
CA PHE A 211 17.18 -17.91 -7.13
C PHE A 211 16.05 -18.54 -6.29
N THR A 212 15.19 -17.66 -5.72
CA THR A 212 14.07 -18.09 -4.84
C THR A 212 12.75 -17.48 -5.33
N LEU A 213 11.64 -18.06 -4.91
CA LEU A 213 10.34 -17.59 -5.23
C LEU A 213 9.52 -17.45 -3.93
N TYR A 214 8.86 -16.32 -3.77
CA TYR A 214 7.97 -16.13 -2.62
C TYR A 214 6.58 -15.91 -3.16
N THR A 215 5.61 -16.51 -2.48
CA THR A 215 4.18 -16.53 -2.91
C THR A 215 3.27 -16.06 -1.78
N LYS A 216 2.19 -15.36 -2.14
CA LYS A 216 1.28 -14.84 -1.12
C LYS A 216 0.77 -15.97 -0.20
N LYS A 217 0.75 -15.75 1.10
CA LYS A 217 0.20 -16.75 2.06
C LYS A 217 -1.32 -16.83 1.86
N LEU A 218 -1.91 -17.92 2.34
CA LEU A 218 -3.35 -18.14 2.18
C LEU A 218 -4.10 -17.05 2.99
N GLU A 219 -5.23 -16.60 2.51
CA GLU A 219 -6.04 -15.61 3.19
C GLU A 219 -7.37 -16.19 3.65
N HIS A 220 -7.78 -15.84 4.87
CA HIS A 220 -9.11 -16.11 5.34
C HIS A 220 -10.15 -15.35 4.48
N HIS A 221 -11.38 -15.86 4.48
CA HIS A 221 -12.49 -15.23 3.78
C HIS A 221 -13.26 -14.39 4.78
N HIS A 222 -12.98 -13.11 4.80
CA HIS A 222 -13.66 -12.20 5.73
C HIS A 222 -14.88 -11.51 5.10
N HIS A 223 -14.72 -11.05 3.87
CA HIS A 223 -15.76 -10.30 3.12
C HIS A 223 -15.42 -10.64 1.69
N HIS A 224 -16.37 -11.12 0.91
CA HIS A 224 -16.72 -10.71 -0.44
C HIS A 224 -17.81 -9.68 -0.83
N HIS A 225 -17.39 -8.65 -1.56
CA HIS A 225 -18.34 -7.58 -1.98
C HIS A 225 -19.52 -8.08 -2.83
N HIS A 226 -20.76 -7.92 -2.34
CA HIS A 226 -21.96 -8.21 -3.13
C HIS A 226 -22.79 -7.00 -3.53
N HIS A 227 -23.50 -7.14 -4.65
CA HIS A 227 -24.48 -6.11 -5.06
C HIS A 227 -25.85 -6.32 -4.45
N LYS B 3 5.59 8.28 14.43
CA LYS B 3 5.30 8.44 15.89
C LYS B 3 3.98 9.16 16.23
N VAL B 4 3.52 10.11 15.41
CA VAL B 4 2.12 10.59 15.50
C VAL B 4 1.16 9.44 15.00
N PRO B 5 0.11 9.07 15.74
CA PRO B 5 -0.81 8.00 15.23
C PRO B 5 -1.60 8.40 13.99
N VAL B 6 -1.71 7.47 13.03
CA VAL B 6 -2.46 7.65 11.78
C VAL B 6 -3.78 6.87 11.90
N VAL B 7 -4.89 7.59 11.80
CA VAL B 7 -6.20 6.99 12.10
C VAL B 7 -7.10 7.22 10.92
N GLY B 8 -7.65 6.16 10.37
CA GLY B 8 -8.63 6.31 9.32
C GLY B 8 -9.96 6.52 9.99
N ILE B 9 -10.78 7.42 9.46
CA ILE B 9 -12.08 7.66 10.09
C ILE B 9 -13.16 7.74 8.99
N VAL B 10 -14.24 7.00 9.20
CA VAL B 10 -15.19 6.75 8.11
C VAL B 10 -16.53 6.32 8.70
N ALA B 11 -17.60 6.64 7.98
CA ALA B 11 -18.96 6.17 8.28
C ALA B 11 -19.36 5.18 7.16
N ALA B 12 -19.66 3.91 7.50
CA ALA B 12 -19.97 2.89 6.48
C ALA B 12 -21.27 2.15 6.80
N LEU B 13 -22.07 1.85 5.76
CA LEU B 13 -23.33 1.11 5.93
C LEU B 13 -23.13 -0.37 5.86
N LEU B 14 -23.61 -1.12 6.86
CA LEU B 14 -23.41 -2.57 6.83
C LEU B 14 -24.45 -3.19 5.90
N PRO B 15 -24.22 -4.41 5.36
CA PRO B 15 -23.05 -5.30 5.51
C PRO B 15 -21.93 -5.04 4.53
N GLU B 16 -22.22 -4.30 3.44
CA GLU B 16 -21.23 -4.06 2.36
C GLU B 16 -20.21 -2.96 2.69
N MET B 17 -20.46 -2.19 3.75
CA MET B 17 -19.58 -1.04 4.12
C MET B 17 -19.53 0.02 3.02
N GLY B 18 -20.74 0.31 2.51
CA GLY B 18 -20.94 1.36 1.51
C GLY B 18 -20.69 2.70 2.17
N ILE B 19 -20.00 3.61 1.49
CA ILE B 19 -19.66 4.96 2.08
C ILE B 19 -20.09 6.19 1.23
N GLY B 20 -20.50 5.94 -0.03
CA GLY B 20 -20.66 7.01 -0.99
C GLY B 20 -21.55 6.64 -2.15
N PHE B 21 -22.17 7.67 -2.74
CA PHE B 21 -22.92 7.53 -3.99
C PHE B 21 -22.82 8.87 -4.74
N GLN B 22 -22.39 8.81 -5.98
CA GLN B 22 -22.35 9.96 -6.89
C GLN B 22 -21.69 11.19 -6.25
N GLY B 23 -20.56 10.97 -5.57
CA GLY B 23 -19.72 12.08 -5.07
C GLY B 23 -20.11 12.62 -3.72
N ASN B 24 -21.16 12.04 -3.13
CA ASN B 24 -21.69 12.50 -1.84
C ASN B 24 -21.92 11.34 -0.87
N LEU B 25 -22.09 11.69 0.40
CA LEU B 25 -22.50 10.75 1.46
C LEU B 25 -23.91 10.24 1.13
N PRO B 26 -24.20 8.93 1.38
CA PRO B 26 -25.58 8.39 1.13
C PRO B 26 -26.64 8.68 2.20
N TRP B 27 -26.30 9.46 3.20
CA TRP B 27 -27.19 9.84 4.29
C TRP B 27 -26.72 11.23 4.75
N ARG B 28 -27.55 11.85 5.58
CA ARG B 28 -27.24 13.12 6.20
C ARG B 28 -27.62 12.94 7.67
N LEU B 29 -26.62 12.69 8.51
CA LEU B 29 -26.88 12.37 9.90
C LEU B 29 -26.12 13.36 10.75
N ALA B 30 -26.86 14.27 11.43
CA ALA B 30 -26.23 15.37 12.14
C ALA B 30 -25.43 14.90 13.35
N LYS B 31 -25.87 13.81 13.99
CA LYS B 31 -25.14 13.25 15.09
C LYS B 31 -23.81 12.55 14.72
N GLU B 32 -23.84 11.88 13.58
CA GLU B 32 -22.69 11.21 13.05
C GLU B 32 -21.65 12.31 12.68
N MET B 33 -22.11 13.37 12.00
CA MET B 33 -21.28 14.50 11.60
C MET B 33 -20.66 15.24 12.83
N LYS B 34 -21.41 15.36 13.92
CA LYS B 34 -20.97 15.98 15.17
C LYS B 34 -19.82 15.18 15.82
N TYR B 35 -20.02 13.85 15.96
CA TYR B 35 -18.92 12.92 16.31
C TYR B 35 -17.68 13.10 15.42
N PHE B 36 -17.84 13.10 14.09
CA PHE B 36 -16.65 13.26 13.19
C PHE B 36 -15.93 14.64 13.49
N ARG B 37 -16.77 15.68 13.59
CA ARG B 37 -16.30 17.02 13.90
C ARG B 37 -15.51 17.04 15.18
N GLU B 38 -16.15 16.68 16.27
CA GLU B 38 -15.48 16.61 17.59
C GLU B 38 -14.21 15.78 17.64
N VAL B 39 -14.23 14.53 17.13
CA VAL B 39 -13.06 13.63 17.18
C VAL B 39 -11.86 14.23 16.41
N THR B 40 -12.13 14.68 15.19
CA THR B 40 -11.05 15.22 14.37
C THR B 40 -10.57 16.59 14.84
N THR B 41 -11.42 17.35 15.53
CA THR B 41 -11.06 18.70 16.00
C THR B 41 -10.34 18.67 17.34
N LEU B 42 -10.93 17.94 18.29
CA LEU B 42 -10.45 17.93 19.66
C LEU B 42 -9.10 17.19 19.88
N THR B 43 -8.32 17.74 20.82
CA THR B 43 -7.03 17.17 21.20
C THR B 43 -6.94 17.02 22.74
N ASN B 44 -6.10 16.11 23.22
CA ASN B 44 -5.85 16.05 24.64
C ASN B 44 -4.91 17.15 25.06
N ASP B 45 -3.99 17.52 24.16
CA ASP B 45 -3.09 18.64 24.40
C ASP B 45 -3.57 19.86 23.58
N ASN B 46 -3.97 20.93 24.27
CA ASN B 46 -4.56 22.16 23.66
C ASN B 46 -3.66 23.16 22.98
N SER B 47 -2.34 23.10 23.15
CA SER B 47 -1.32 23.29 22.11
C SER B 47 -1.19 22.57 20.80
N LYS B 48 -1.84 21.42 20.62
CA LYS B 48 -1.75 20.72 19.35
C LYS B 48 -3.01 20.89 18.51
N GLN B 49 -2.92 20.60 17.20
CA GLN B 49 -4.09 20.43 16.36
C GLN B 49 -3.95 19.07 15.74
N ASN B 50 -5.02 18.57 15.16
CA ASN B 50 -4.95 17.34 14.33
C ASN B 50 -4.84 17.71 12.87
N VAL B 51 -4.31 16.79 12.08
CA VAL B 51 -4.34 16.89 10.63
C VAL B 51 -5.55 16.06 10.09
N VAL B 52 -6.19 16.56 9.04
CA VAL B 52 -7.17 15.81 8.25
C VAL B 52 -6.62 15.75 6.83
N ILE B 53 -6.39 14.53 6.38
CA ILE B 53 -5.99 14.23 4.98
C ILE B 53 -7.14 13.67 4.14
N MET B 54 -7.33 14.25 2.95
CA MET B 54 -8.43 13.82 2.07
C MET B 54 -8.02 13.83 0.59
N GLY B 55 -8.63 12.98 -0.19
CA GLY B 55 -8.43 13.11 -1.63
C GLY B 55 -9.20 14.29 -2.21
N ARG B 56 -8.77 14.65 -3.42
CA ARG B 56 -9.24 15.82 -4.14
C ARG B 56 -10.75 15.80 -4.31
N LYS B 57 -11.30 14.62 -4.60
CA LYS B 57 -12.71 14.53 -4.92
C LYS B 57 -13.53 14.72 -3.65
N THR B 58 -13.03 14.17 -2.54
CA THR B 58 -13.66 14.40 -1.24
C THR B 58 -13.69 15.90 -0.88
N TRP B 59 -12.54 16.57 -1.06
CA TRP B 59 -12.41 18.02 -0.85
C TRP B 59 -13.49 18.75 -1.65
N GLU B 60 -13.64 18.38 -2.92
CA GLU B 60 -14.56 19.05 -3.79
C GLU B 60 -15.99 18.83 -3.39
N SER B 61 -16.27 17.77 -2.64
CA SER B 61 -17.63 17.56 -2.19
C SER B 61 -17.98 18.28 -0.90
N ILE B 62 -17.00 18.82 -0.15
CA ILE B 62 -17.34 19.56 1.07
C ILE B 62 -17.96 20.95 0.68
N PRO B 63 -19.12 21.32 1.28
CA PRO B 63 -19.71 22.64 0.93
C PRO B 63 -18.69 23.75 1.09
N GLN B 64 -18.58 24.64 0.10
CA GLN B 64 -17.58 25.74 0.13
C GLN B 64 -17.53 26.56 1.42
N LYS B 65 -18.70 26.83 2.02
CA LYS B 65 -18.85 27.56 3.29
C LYS B 65 -18.08 26.86 4.42
N PHE B 66 -17.87 25.57 4.27
CA PHE B 66 -17.38 24.74 5.40
C PHE B 66 -15.96 24.22 5.23
N ARG B 67 -15.30 24.57 4.14
CA ARG B 67 -13.91 24.17 3.94
C ARG B 67 -12.96 25.40 3.81
N PRO B 68 -11.69 25.28 4.27
CA PRO B 68 -11.13 24.08 4.91
C PRO B 68 -11.81 23.79 6.27
N LEU B 69 -11.78 22.52 6.69
CA LEU B 69 -12.40 22.17 7.95
C LEU B 69 -11.69 23.00 9.05
N PRO B 70 -12.45 23.80 9.85
CA PRO B 70 -11.88 24.66 10.92
C PRO B 70 -11.11 23.96 12.02
N LYS B 71 -9.99 24.56 12.45
CA LYS B 71 -9.25 24.14 13.64
C LYS B 71 -8.53 22.81 13.45
N ARG B 72 -8.40 22.39 12.20
CA ARG B 72 -7.60 21.25 11.84
C ARG B 72 -6.73 21.63 10.66
N ILE B 73 -5.51 21.13 10.62
CA ILE B 73 -4.69 21.27 9.43
C ILE B 73 -5.27 20.36 8.30
N ASN B 74 -5.67 20.99 7.19
CA ASN B 74 -6.19 20.25 6.04
C ASN B 74 -5.14 19.98 4.99
N VAL B 75 -5.11 18.73 4.53
CA VAL B 75 -4.24 18.35 3.44
C VAL B 75 -5.08 17.68 2.35
N VAL B 76 -4.95 18.18 1.13
CA VAL B 76 -5.68 17.63 -0.02
C VAL B 76 -4.67 17.02 -0.97
N VAL B 77 -4.96 15.80 -1.42
CA VAL B 77 -3.99 15.12 -2.25
C VAL B 77 -4.50 14.99 -3.68
N SER B 78 -3.65 15.36 -4.63
CA SER B 78 -4.01 15.28 -6.06
C SER B 78 -2.76 14.93 -6.81
N ARG B 79 -2.84 14.03 -7.77
CA ARG B 79 -1.64 13.67 -8.54
C ARG B 79 -1.19 14.81 -9.40
N SER B 80 -2.03 15.84 -9.54
CA SER B 80 -1.63 16.97 -10.39
C SER B 80 -1.07 18.19 -9.59
N PHE B 81 -0.85 18.00 -8.28
CA PHE B 81 -0.17 19.03 -7.46
C PHE B 81 1.29 18.59 -7.48
N ASP B 82 2.24 19.15 -6.70
CA ASP B 82 3.47 19.87 -7.17
C ASP B 82 4.57 19.08 -6.43
N GLY B 83 4.32 18.77 -5.15
CA GLY B 83 5.15 17.79 -4.42
C GLY B 83 4.46 17.81 -3.10
N GLU B 84 5.21 17.62 -2.03
CA GLU B 84 5.16 16.44 -1.23
C GLU B 84 4.20 16.97 -0.15
N LEU B 85 4.32 18.28 0.13
CA LEU B 85 3.52 18.98 1.14
C LEU B 85 3.75 20.48 1.04
N ARG B 86 2.84 21.20 0.42
CA ARG B 86 3.03 22.62 0.13
C ARG B 86 1.83 23.38 0.72
N LYS B 87 2.11 24.43 1.49
CA LYS B 87 1.07 25.37 1.90
C LYS B 87 0.61 26.13 0.69
N VAL B 88 -0.70 26.11 0.44
CA VAL B 88 -1.27 26.85 -0.68
C VAL B 88 -2.19 27.97 -0.19
N GLU B 89 -2.71 27.88 1.05
CA GLU B 89 -3.54 28.92 1.69
C GLU B 89 -3.56 28.68 3.18
N ASP B 90 -4.18 29.61 3.92
CA ASP B 90 -4.32 29.41 5.37
C ASP B 90 -5.20 28.19 5.64
N GLY B 91 -4.65 27.22 6.39
CA GLY B 91 -5.42 26.03 6.74
C GLY B 91 -5.31 24.94 5.68
N ILE B 92 -4.65 25.22 4.54
CA ILE B 92 -4.60 24.30 3.39
C ILE B 92 -3.19 23.98 2.81
N TYR B 93 -2.90 22.68 2.83
CA TYR B 93 -1.73 22.08 2.23
C TYR B 93 -2.13 21.21 1.08
N HIS B 94 -1.28 21.23 0.06
CA HIS B 94 -1.47 20.40 -1.11
C HIS B 94 -0.33 19.41 -1.19
N SER B 95 -0.64 18.16 -1.52
CA SER B 95 0.37 17.13 -1.77
C SER B 95 0.02 16.28 -2.99
N ASN B 96 1.04 15.89 -3.74
CA ASN B 96 0.86 14.93 -4.83
C ASN B 96 1.09 13.47 -4.43
N SER B 97 1.11 13.16 -3.14
CA SER B 97 1.38 11.81 -2.69
C SER B 97 0.86 11.51 -1.29
N LEU B 98 -0.17 10.66 -1.15
CA LEU B 98 -0.63 10.16 0.20
C LEU B 98 0.63 9.95 1.05
N ARG B 99 1.61 9.16 0.57
CA ARG B 99 2.37 8.26 1.39
C ARG B 99 3.53 9.27 1.75
N ASN B 100 3.95 10.11 0.79
CA ASN B 100 5.00 11.11 1.08
C ASN B 100 4.44 12.28 1.95
N CYS B 101 3.17 12.65 1.77
CA CYS B 101 2.60 13.58 2.76
C CYS B 101 2.87 13.08 4.19
N LEU B 102 2.86 11.79 4.46
CA LEU B 102 2.35 11.22 5.67
C LEU B 102 3.79 11.23 6.32
N THR B 103 4.78 10.85 5.53
CA THR B 103 6.21 10.95 5.96
C THR B 103 6.64 12.40 6.27
N ALA B 104 6.29 13.31 5.37
CA ALA B 104 6.55 14.73 5.59
C ALA B 104 5.92 15.17 6.91
N LEU B 105 4.66 14.85 7.11
CA LEU B 105 3.97 15.24 8.35
C LEU B 105 4.46 14.72 9.71
N GLN B 106 4.89 13.46 9.75
CA GLN B 106 5.87 12.92 10.66
C GLN B 106 7.25 13.51 11.05
N SER B 107 7.80 14.43 10.28
CA SER B 107 9.07 14.99 10.63
C SER B 107 8.89 15.90 11.83
N SER B 108 9.53 15.55 12.95
CA SER B 108 9.38 16.35 14.17
C SER B 108 10.01 17.74 13.98
N LEU B 109 10.97 17.84 13.07
CA LEU B 109 11.58 19.10 12.72
C LEU B 109 10.58 20.00 12.01
N ALA B 110 9.77 19.42 11.12
CA ALA B 110 8.77 20.21 10.39
C ALA B 110 7.57 20.55 11.27
N ASN B 111 7.21 19.63 12.16
CA ASN B 111 5.91 19.71 12.85
C ASN B 111 5.93 20.00 14.37
N GLU B 112 7.11 20.03 15.03
CA GLU B 112 7.57 20.99 16.04
C GLU B 112 6.89 20.22 17.22
N ASN B 113 6.71 18.92 17.04
CA ASN B 113 5.85 18.09 17.87
C ASN B 113 4.46 18.69 18.26
N LYS B 114 3.80 19.40 17.34
CA LYS B 114 2.47 19.97 17.65
C LYS B 114 1.24 19.48 16.80
N ILE B 115 1.33 18.31 16.12
CA ILE B 115 0.21 17.47 15.55
C ILE B 115 0.09 16.47 16.71
N GLU B 116 -1.04 16.37 17.38
CA GLU B 116 -1.55 15.10 17.93
C GLU B 116 -1.81 13.86 17.12
N ARG B 117 -2.75 13.93 16.19
CA ARG B 117 -3.09 12.80 15.33
C ARG B 117 -3.27 13.27 13.91
N ILE B 118 -3.05 12.32 13.01
CA ILE B 118 -3.35 12.47 11.60
C ILE B 118 -4.54 11.55 11.30
N TYR B 119 -5.65 12.18 10.92
CA TYR B 119 -6.89 11.52 10.49
C TYR B 119 -6.98 11.51 8.96
N ILE B 120 -7.15 10.31 8.44
CA ILE B 120 -7.43 10.13 7.07
C ILE B 120 -8.94 10.06 6.90
N ILE B 121 -9.48 11.06 6.19
CA ILE B 121 -10.95 11.31 6.19
C ILE B 121 -11.64 11.02 4.84
N GLY B 122 -10.94 10.29 3.96
CA GLY B 122 -11.57 9.79 2.72
C GLY B 122 -11.03 10.38 1.44
N GLY B 123 -11.53 9.94 0.27
CA GLY B 123 -12.69 9.02 0.20
C GLY B 123 -12.23 7.61 -0.17
N GLY B 124 -12.97 6.94 -1.06
CA GLY B 124 -12.82 5.49 -1.37
C GLY B 124 -11.39 5.13 -1.81
N GLU B 125 -10.88 5.90 -2.76
CA GLU B 125 -9.61 5.62 -3.34
C GLU B 125 -8.50 5.89 -2.33
N ILE B 126 -8.68 6.94 -1.51
CA ILE B 126 -7.74 7.21 -0.40
C ILE B 126 -7.74 6.10 0.63
N TYR B 127 -8.95 5.70 1.07
CA TYR B 127 -9.08 4.59 2.02
C TYR B 127 -8.44 3.25 1.60
N ARG B 128 -8.59 2.91 0.31
CA ARG B 128 -7.96 1.74 -0.32
C ARG B 128 -6.47 1.72 -0.08
N GLN B 129 -5.87 2.89 -0.23
CA GLN B 129 -4.42 3.01 -0.07
C GLN B 129 -4.01 3.13 1.40
N SER B 130 -4.96 3.21 2.32
CA SER B 130 -4.60 3.55 3.71
C SER B 130 -4.59 2.34 4.61
N MET B 131 -5.01 1.19 4.11
CA MET B 131 -5.15 -0.02 4.95
C MET B 131 -3.79 -0.36 5.52
N ASP B 132 -2.77 -0.09 4.73
CA ASP B 132 -1.44 -0.43 5.17
C ASP B 132 -0.73 0.70 5.85
N LEU B 133 -1.35 1.85 5.89
CA LEU B 133 -0.73 3.03 6.51
C LEU B 133 -1.30 3.33 7.90
N ALA B 134 -2.60 3.08 8.09
CA ALA B 134 -3.25 3.50 9.33
C ALA B 134 -2.89 2.61 10.50
N ASP B 135 -2.80 3.20 11.68
CA ASP B 135 -2.60 2.42 12.88
C ASP B 135 -3.94 1.92 13.42
N HIS B 136 -5.01 2.70 13.22
CA HIS B 136 -6.32 2.39 13.76
C HIS B 136 -7.34 2.79 12.73
N TRP B 137 -8.56 2.31 12.87
CA TRP B 137 -9.67 2.88 12.11
C TRP B 137 -10.82 3.21 13.07
N LEU B 138 -11.33 4.44 12.97
CA LEU B 138 -12.63 4.76 13.66
C LEU B 138 -13.70 4.61 12.58
N ILE B 139 -14.53 3.59 12.77
CA ILE B 139 -15.59 3.26 11.78
C ILE B 139 -16.94 3.39 12.47
N THR B 140 -17.79 4.27 11.94
CA THR B 140 -19.17 4.33 12.33
C THR B 140 -19.92 3.26 11.52
N LYS B 141 -20.45 2.25 12.19
CA LYS B 141 -21.12 1.17 11.48
C LYS B 141 -22.62 1.50 11.46
N ILE B 142 -23.12 1.69 10.26
CA ILE B 142 -24.45 2.22 10.07
C ILE B 142 -25.40 1.09 9.55
N MET B 143 -26.60 0.96 10.14
CA MET B 143 -27.61 -0.04 9.80
C MET B 143 -28.94 0.66 9.57
N PRO B 144 -29.59 0.40 8.43
CA PRO B 144 -30.99 0.84 8.28
C PRO B 144 -31.90 0.12 9.30
N LEU B 145 -32.77 0.88 9.97
CA LEU B 145 -33.78 0.26 10.84
C LEU B 145 -34.79 -0.52 9.93
N PRO B 146 -35.58 -1.45 10.52
CA PRO B 146 -36.45 -2.32 9.71
C PRO B 146 -37.30 -1.66 8.61
N GLU B 147 -37.85 -0.48 8.87
CA GLU B 147 -38.68 0.19 7.84
C GLU B 147 -37.90 1.07 6.83
N THR B 148 -36.59 1.19 7.00
CA THR B 148 -35.77 2.10 6.19
C THR B 148 -35.37 1.43 4.88
N THR B 149 -35.75 2.04 3.77
CA THR B 149 -34.96 1.95 2.56
C THR B 149 -33.41 2.00 2.62
N ILE B 150 -32.75 0.91 2.25
CA ILE B 150 -31.28 0.91 2.05
C ILE B 150 -30.90 1.85 0.91
N PRO B 151 -30.04 2.87 1.19
CA PRO B 151 -29.71 3.81 0.11
C PRO B 151 -28.85 3.16 -0.96
N GLN B 152 -28.91 3.66 -2.19
CA GLN B 152 -28.01 3.27 -3.27
C GLN B 152 -26.58 3.75 -2.96
N MET B 153 -25.59 2.92 -3.30
CA MET B 153 -24.16 3.23 -3.02
C MET B 153 -23.28 2.77 -4.18
N ASP B 154 -22.15 3.44 -4.35
CA ASP B 154 -21.23 3.12 -5.43
C ASP B 154 -19.76 3.11 -4.95
N THR B 155 -19.57 3.36 -3.65
CA THR B 155 -18.23 3.44 -3.09
C THR B 155 -18.25 2.69 -1.77
N PHE B 156 -17.20 1.87 -1.55
CA PHE B 156 -17.21 0.88 -0.47
C PHE B 156 -15.84 0.88 0.26
N LEU B 157 -15.88 0.68 1.59
CA LEU B 157 -14.69 0.38 2.37
C LEU B 157 -14.28 -1.05 2.05
N GLN B 158 -12.99 -1.36 2.15
CA GLN B 158 -12.57 -2.72 1.83
C GLN B 158 -12.61 -3.55 3.09
N LYS B 159 -13.79 -4.14 3.38
CA LYS B 159 -14.01 -4.90 4.61
C LYS B 159 -13.01 -6.06 4.67
N GLN B 160 -12.67 -6.65 3.51
CA GLN B 160 -11.80 -7.87 3.53
C GLN B 160 -10.45 -7.50 4.10
N GLU B 161 -9.85 -6.44 3.54
CA GLU B 161 -8.50 -5.96 3.95
C GLU B 161 -8.48 -5.41 5.37
N LEU B 162 -9.53 -4.68 5.76
CA LEU B 162 -9.73 -4.32 7.17
C LEU B 162 -9.65 -5.53 8.11
N GLU B 163 -10.44 -6.57 7.84
CA GLU B 163 -10.51 -7.71 8.77
C GLU B 163 -9.26 -8.60 8.75
N GLN B 164 -8.55 -8.65 7.64
CA GLN B 164 -7.18 -9.24 7.65
C GLN B 164 -6.17 -8.55 8.56
N ARG B 165 -6.15 -7.21 8.57
CA ARG B 165 -5.07 -6.51 9.23
C ARG B 165 -5.45 -5.96 10.63
N PHE B 166 -6.76 -5.79 10.90
CA PHE B 166 -7.21 -5.07 12.11
C PHE B 166 -8.21 -5.94 12.84
N TYR B 167 -8.34 -5.73 14.14
CA TYR B 167 -9.33 -6.46 14.95
C TYR B 167 -10.25 -5.39 15.56
N ASP B 168 -11.42 -5.81 16.00
CA ASP B 168 -12.41 -4.91 16.58
C ASP B 168 -12.00 -4.61 18.01
N ASN B 169 -11.52 -3.39 18.21
CA ASN B 169 -10.99 -3.00 19.51
C ASN B 169 -11.95 -2.09 20.25
N SER B 170 -13.25 -2.24 19.98
CA SER B 170 -14.21 -1.27 20.44
C SER B 170 -14.35 -1.17 21.96
N ASP B 171 -13.94 -2.20 22.68
CA ASP B 171 -13.78 -2.10 24.15
C ASP B 171 -12.90 -0.92 24.54
N LYS B 172 -12.01 -0.48 23.66
CA LYS B 172 -11.14 0.62 24.05
C LYS B 172 -11.52 1.92 23.37
N LEU B 173 -12.66 1.95 22.70
CA LEU B 173 -13.03 3.19 22.01
C LEU B 173 -13.07 4.44 22.92
N VAL B 174 -13.76 4.36 24.07
CA VAL B 174 -13.84 5.50 24.99
C VAL B 174 -12.50 6.08 25.42
N ASP B 175 -11.59 5.20 25.85
CA ASP B 175 -10.24 5.58 26.26
C ASP B 175 -9.46 6.25 25.12
N PHE B 176 -9.74 5.81 23.89
CA PHE B 176 -9.04 6.23 22.69
C PHE B 176 -9.45 7.64 22.27
N LEU B 177 -10.72 8.02 22.49
CA LEU B 177 -11.21 9.34 22.03
C LEU B 177 -10.69 10.50 22.89
N PRO B 178 -10.56 11.71 22.29
CA PRO B 178 -10.13 12.87 23.08
C PRO B 178 -11.01 12.95 24.32
N SER B 179 -10.40 13.30 25.45
CA SER B 179 -10.98 12.96 26.74
C SER B 179 -12.15 13.83 27.12
N SER B 180 -12.50 14.76 26.26
CA SER B 180 -13.57 15.70 26.57
C SER B 180 -14.81 15.51 25.70
N ILE B 181 -14.75 14.57 24.76
CA ILE B 181 -15.91 14.24 23.96
C ILE B 181 -16.92 13.54 24.87
N GLN B 182 -18.19 13.80 24.65
CA GLN B 182 -19.15 12.97 25.38
C GLN B 182 -20.14 12.24 24.50
N LEU B 183 -20.34 10.98 24.88
CA LEU B 183 -21.10 10.04 24.09
C LEU B 183 -22.35 9.75 24.87
N GLU B 184 -23.44 9.61 24.14
CA GLU B 184 -24.72 9.24 24.69
C GLU B 184 -24.85 7.77 24.91
N GLY B 185 -24.20 6.96 24.09
CA GLY B 185 -24.26 5.49 24.22
C GLY B 185 -23.72 5.06 25.58
N ARG B 186 -23.80 3.80 25.91
CA ARG B 186 -22.61 2.96 25.87
C ARG B 186 -22.78 1.51 25.49
N LEU B 187 -21.84 0.65 25.87
CA LEU B 187 -20.99 0.03 24.91
C LEU B 187 -21.66 -1.36 24.89
N THR B 188 -21.93 -2.00 23.76
CA THR B 188 -23.21 -2.61 23.35
C THR B 188 -22.71 -3.59 22.29
N SER B 189 -23.04 -4.88 22.47
CA SER B 189 -22.80 -5.90 21.43
C SER B 189 -24.13 -6.43 20.91
N GLN B 190 -24.37 -6.28 19.61
CA GLN B 190 -25.65 -6.66 19.01
C GLN B 190 -25.32 -7.46 17.81
N GLU B 191 -26.02 -8.58 17.62
CA GLU B 191 -25.91 -9.25 16.33
C GLU B 191 -26.77 -8.58 15.23
N TRP B 192 -26.19 -8.41 14.04
CA TRP B 192 -26.96 -7.83 12.93
C TRP B 192 -26.59 -8.46 11.59
N ASN B 193 -27.55 -9.20 11.04
CA ASN B 193 -27.35 -10.01 9.81
C ASN B 193 -26.12 -10.95 9.52
N GLY B 194 -25.75 -11.94 10.33
CA GLY B 194 -25.54 -11.90 11.74
C GLY B 194 -24.00 -11.76 11.77
N GLU B 195 -23.52 -10.52 11.67
CA GLU B 195 -22.19 -10.19 12.16
C GLU B 195 -22.34 -9.58 13.58
N LEU B 196 -21.31 -9.71 14.41
CA LEU B 196 -21.25 -9.02 15.69
C LEU B 196 -20.93 -7.55 15.48
N VAL B 197 -21.82 -6.72 16.03
CA VAL B 197 -21.58 -5.32 16.05
C VAL B 197 -21.56 -4.64 17.40
N LYS B 198 -20.47 -3.92 17.74
CA LYS B 198 -19.93 -3.76 19.09
C LYS B 198 -19.44 -2.26 19.04
N GLY B 199 -19.86 -1.41 19.97
CA GLY B 199 -19.37 0.00 20.16
C GLY B 199 -20.67 0.66 20.54
N LEU B 200 -20.93 1.89 20.15
CA LEU B 200 -21.34 2.91 21.08
C LEU B 200 -22.53 3.53 20.35
N PRO B 201 -23.78 3.20 20.69
CA PRO B 201 -24.87 3.01 19.77
C PRO B 201 -25.60 4.42 19.68
N VAL B 202 -26.05 4.80 18.48
CA VAL B 202 -26.96 5.91 18.37
C VAL B 202 -28.03 5.68 17.27
N GLN B 203 -29.15 6.37 17.42
CA GLN B 203 -30.22 6.32 16.45
C GLN B 203 -30.51 7.72 15.97
N GLU B 204 -30.67 7.88 14.67
CA GLU B 204 -31.05 9.13 14.10
C GLU B 204 -31.70 8.86 12.76
N LYS B 205 -32.77 9.61 12.51
CA LYS B 205 -33.63 9.42 11.37
C LYS B 205 -33.92 7.92 11.18
N GLY B 206 -33.67 7.34 10.03
CA GLY B 206 -34.09 5.92 9.85
C GLY B 206 -33.01 4.88 10.16
N TYR B 207 -31.94 5.33 10.81
CA TYR B 207 -30.74 4.53 11.04
C TYR B 207 -30.36 4.32 12.50
N GLN B 208 -29.78 3.13 12.77
CA GLN B 208 -29.09 2.84 14.00
C GLN B 208 -27.59 2.81 13.63
N PHE B 209 -26.75 3.45 14.43
CA PHE B 209 -25.29 3.38 14.17
C PHE B 209 -24.43 3.22 15.43
N TYR B 210 -23.25 2.62 15.26
CA TYR B 210 -22.36 2.33 16.35
C TYR B 210 -21.02 2.96 15.96
N PHE B 211 -20.49 3.80 16.85
CA PHE B 211 -19.08 4.17 16.85
C PHE B 211 -18.21 2.99 17.32
N THR B 212 -17.26 2.55 16.45
CA THR B 212 -16.33 1.42 16.74
C THR B 212 -14.86 1.81 16.47
N LEU B 213 -13.95 1.03 17.03
CA LEU B 213 -12.50 1.20 16.87
C LEU B 213 -11.85 -0.12 16.43
N TYR B 214 -11.07 -0.07 15.38
CA TYR B 214 -10.31 -1.20 14.90
C TYR B 214 -8.86 -0.85 15.09
N THR B 215 -8.11 -1.87 15.51
CA THR B 215 -6.70 -1.70 15.84
C THR B 215 -5.88 -2.79 15.13
N LYS B 216 -4.64 -2.45 14.77
CA LYS B 216 -3.78 -3.36 14.02
C LYS B 216 -3.60 -4.62 14.86
N LYS B 217 -3.69 -5.78 14.21
CA LYS B 217 -3.48 -7.08 14.86
C LYS B 217 -2.00 -7.19 15.21
N LEU B 218 -1.70 -8.07 16.16
CA LEU B 218 -0.29 -8.23 16.59
C LEU B 218 0.49 -8.86 15.46
N GLU B 219 1.77 -8.55 15.41
CA GLU B 219 2.64 -8.93 14.33
C GLU B 219 3.82 -9.70 14.87
N HIS B 220 4.13 -10.81 14.21
CA HIS B 220 5.32 -11.60 14.48
C HIS B 220 6.57 -10.77 14.14
N HIS B 221 7.68 -11.17 14.74
CA HIS B 221 9.00 -10.52 14.53
C HIS B 221 9.78 -11.33 13.47
N HIS B 222 9.75 -10.90 12.24
CA HIS B 222 10.42 -11.63 11.15
C HIS B 222 11.80 -11.04 10.92
N HIS B 223 11.87 -9.72 10.95
CA HIS B 223 13.12 -9.03 10.70
C HIS B 223 13.06 -7.63 11.28
N HIS B 224 14.19 -7.19 11.82
CA HIS B 224 14.38 -5.81 12.25
C HIS B 224 15.68 -5.33 11.59
N HIS B 225 15.59 -4.24 10.82
CA HIS B 225 16.78 -3.72 10.07
C HIS B 225 17.99 -3.37 10.96
N HIS B 226 19.15 -3.99 10.71
CA HIS B 226 20.41 -3.59 11.40
C HIS B 226 21.52 -3.04 10.50
N HIS B 227 22.35 -2.17 11.08
CA HIS B 227 23.51 -1.57 10.40
C HIS B 227 24.77 -2.44 10.39
#